data_9H05
#
_entry.id   9H05
#
_cell.length_a   59.410
_cell.length_b   59.410
_cell.length_c   229.421
_cell.angle_alpha   90.00
_cell.angle_beta   90.00
_cell.angle_gamma   90.00
#
_symmetry.space_group_name_H-M   'P 43 21 2'
#
loop_
_entity.id
_entity.type
_entity.pdbx_description
1 polymer 'Methyltransferase domain-containing protein'
2 non-polymer S-ADENOSYL-L-HOMOCYSTEINE
3 non-polymer 'CHLORIDE ION'
4 water water
#
_entity_poly.entity_id   1
_entity_poly.type   'polypeptide(L)'
_entity_poly.pdbx_seq_one_letter_code
;GSGSDQSPKPLATRDEKITYLRKIIGDKGSDAWDVAWQEGVTPWDQGKIQPPLRDFIESNDGKALVNKKSDNARVLVPGC
GKGYDAAYFASLGYETLGADLSSTAIEKAKEFWAESPELKSGKLSFQTLDFFKFEVPEAKYDLVYDYTFFCALPPDLRAP
WGARMRELVRPGGTLITLVYPIDGARSGGPPYSIDVQKVTDALQGSEEGSAEPGKYWTKVLDIVPQTSSPDHVGRERLVV
WERINKPLQDKL
;
_entity_poly.pdbx_strand_id   A
#
loop_
_chem_comp.id
_chem_comp.type
_chem_comp.name
_chem_comp.formula
CL non-polymer 'CHLORIDE ION' 'Cl -1'
SAH non-polymer S-ADENOSYL-L-HOMOCYSTEINE 'C14 H20 N6 O5 S'
#
# COMPACT_ATOMS: atom_id res chain seq x y z
N ALA A 12 -18.28 -1.82 19.39
CA ALA A 12 -18.78 -1.00 18.30
C ALA A 12 -17.95 0.27 18.10
N THR A 13 -17.19 0.68 19.12
CA THR A 13 -16.30 1.83 18.94
C THR A 13 -15.05 1.41 18.17
N ARG A 14 -14.31 2.41 17.68
CA ARG A 14 -13.08 2.11 16.96
C ARG A 14 -12.10 1.36 17.86
N ASP A 15 -11.97 1.80 19.12
CA ASP A 15 -10.98 1.21 20.01
C ASP A 15 -11.31 -0.24 20.32
N GLU A 16 -12.59 -0.51 20.62
CA GLU A 16 -13.05 -1.88 20.82
C GLU A 16 -12.72 -2.73 19.61
N LYS A 17 -12.97 -2.20 18.41
CA LYS A 17 -12.74 -2.99 17.22
C LYS A 17 -11.25 -3.23 17.03
N ILE A 18 -10.43 -2.20 17.27
CA ILE A 18 -8.98 -2.38 17.19
C ILE A 18 -8.52 -3.43 18.19
N THR A 19 -8.95 -3.29 19.44
CA THR A 19 -8.65 -4.27 20.48
C THR A 19 -9.02 -5.69 20.04
N TYR A 20 -10.22 -5.86 19.49
CA TYR A 20 -10.61 -7.18 19.00
C TYR A 20 -9.72 -7.65 17.85
N LEU A 21 -9.45 -6.75 16.89
CA LEU A 21 -8.58 -7.08 15.76
C LEU A 21 -7.22 -7.57 16.24
N ARG A 22 -6.63 -6.87 17.20
CA ARG A 22 -5.30 -7.27 17.69
C ARG A 22 -5.38 -8.60 18.45
N LYS A 23 -6.45 -8.80 19.22
CA LYS A 23 -6.67 -10.07 19.89
C LYS A 23 -6.68 -11.24 18.92
N ILE A 24 -7.48 -11.17 17.85
CA ILE A 24 -7.53 -12.31 16.95
C ILE A 24 -6.26 -12.43 16.12
N ILE A 25 -5.51 -11.34 15.91
CA ILE A 25 -4.21 -11.48 15.27
C ILE A 25 -3.25 -12.21 16.20
N GLY A 26 -3.35 -11.97 17.51
CA GLY A 26 -2.53 -12.70 18.46
C GLY A 26 -2.79 -14.19 18.44
N ASP A 27 -4.06 -14.59 18.29
CA ASP A 27 -4.39 -16.02 18.29
C ASP A 27 -4.15 -16.67 16.93
N LYS A 28 -4.54 -16.00 15.84
CA LYS A 28 -4.64 -16.64 14.55
C LYS A 28 -3.53 -16.24 13.59
N GLY A 29 -2.73 -15.22 13.92
CA GLY A 29 -1.69 -14.77 13.01
C GLY A 29 -2.33 -14.14 11.77
N SER A 30 -1.72 -14.38 10.61
CA SER A 30 -2.21 -13.73 9.39
C SER A 30 -3.58 -14.22 8.96
N ASP A 31 -3.99 -15.42 9.41
CA ASP A 31 -5.35 -15.88 9.11
C ASP A 31 -6.42 -14.96 9.70
N ALA A 32 -6.08 -14.16 10.71
CA ALA A 32 -7.06 -13.27 11.34
C ALA A 32 -7.67 -12.25 10.36
N TRP A 33 -6.99 -11.93 9.25
CA TRP A 33 -7.47 -10.84 8.41
C TRP A 33 -8.76 -11.23 7.70
N ASP A 34 -8.81 -12.42 7.10
CA ASP A 34 -10.07 -12.87 6.53
C ASP A 34 -11.16 -12.99 7.59
N VAL A 35 -10.81 -13.44 8.79
CA VAL A 35 -11.78 -13.51 9.89
C VAL A 35 -12.36 -12.13 10.16
N ALA A 36 -11.50 -11.10 10.26
CA ALA A 36 -11.97 -9.75 10.52
C ALA A 36 -12.89 -9.25 9.42
N TRP A 37 -12.55 -9.55 8.16
CA TRP A 37 -13.40 -9.11 7.05
C TRP A 37 -14.75 -9.82 7.09
N GLN A 38 -14.75 -11.13 7.35
CA GLN A 38 -16.02 -11.85 7.45
C GLN A 38 -16.91 -11.30 8.56
N GLU A 39 -16.33 -10.93 9.69
CA GLU A 39 -17.10 -10.48 10.84
C GLU A 39 -17.40 -9.00 10.81
N GLY A 40 -17.02 -8.29 9.74
CA GLY A 40 -17.28 -6.87 9.65
C GLY A 40 -16.41 -5.99 10.54
N VAL A 41 -15.31 -6.51 11.09
CA VAL A 41 -14.42 -5.71 11.94
C VAL A 41 -13.37 -5.13 11.00
N THR A 42 -13.68 -3.98 10.41
CA THR A 42 -12.80 -3.37 9.42
C THR A 42 -12.58 -1.89 9.73
N PRO A 43 -12.00 -1.58 10.89
CA PRO A 43 -11.88 -0.15 11.28
C PRO A 43 -11.00 0.69 10.37
N TRP A 44 -10.15 0.07 9.53
CA TRP A 44 -9.34 0.81 8.59
C TRP A 44 -10.14 1.30 7.39
N ASP A 45 -11.29 0.70 7.13
CA ASP A 45 -12.04 0.95 5.90
C ASP A 45 -12.65 2.34 5.86
N GLN A 46 -12.32 3.09 4.81
CA GLN A 46 -12.71 4.48 4.67
C GLN A 46 -13.65 4.72 3.51
N GLY A 47 -13.84 3.75 2.63
CA GLY A 47 -14.81 3.87 1.56
C GLY A 47 -14.33 4.62 0.34
N LYS A 48 -13.06 5.02 0.29
CA LYS A 48 -12.51 5.89 -0.76
C LYS A 48 -10.99 6.01 -0.56
N ILE A 49 -10.32 6.47 -1.62
CA ILE A 49 -8.88 6.69 -1.55
C ILE A 49 -8.54 7.86 -0.62
N GLN A 50 -7.30 7.89 -0.19
CA GLN A 50 -6.89 9.04 0.60
C GLN A 50 -6.55 10.20 -0.35
N PRO A 51 -6.95 11.42 0.00
CA PRO A 51 -6.74 12.59 -0.88
C PRO A 51 -5.28 12.77 -1.31
N PRO A 52 -4.29 12.54 -0.44
CA PRO A 52 -2.90 12.76 -0.91
C PRO A 52 -2.54 11.94 -2.15
N LEU A 53 -3.17 10.78 -2.35
CA LEU A 53 -2.87 10.00 -3.55
C LEU A 53 -3.35 10.74 -4.80
N ARG A 54 -4.59 11.23 -4.79
N ARG A 54 -4.59 11.23 -4.79
CA ARG A 54 -5.12 11.91 -5.97
CA ARG A 54 -5.13 11.92 -5.95
C ARG A 54 -4.36 13.22 -6.23
C ARG A 54 -4.36 13.21 -6.22
N ASP A 55 -4.03 13.95 -5.16
CA ASP A 55 -3.32 15.21 -5.36
C ASP A 55 -1.91 14.99 -5.87
N PHE A 56 -1.28 13.87 -5.53
CA PHE A 56 0.01 13.60 -6.13
C PHE A 56 -0.14 13.34 -7.62
N ILE A 57 -1.03 12.40 -7.99
CA ILE A 57 -1.23 12.06 -9.39
C ILE A 57 -1.59 13.30 -10.19
N GLU A 58 -2.36 14.22 -9.60
CA GLU A 58 -2.79 15.44 -10.29
C GLU A 58 -1.75 16.56 -10.23
N SER A 59 -0.65 16.38 -9.52
CA SER A 59 0.42 17.38 -9.46
C SER A 59 1.35 17.25 -10.67
N ASN A 60 2.27 18.22 -10.82
CA ASN A 60 3.10 18.20 -12.03
C ASN A 60 3.96 16.94 -12.08
N ASP A 61 4.48 16.51 -10.93
CA ASP A 61 5.22 15.24 -10.89
C ASP A 61 4.29 14.07 -11.23
N GLY A 62 3.06 14.10 -10.74
CA GLY A 62 2.16 12.99 -10.98
C GLY A 62 1.73 12.92 -12.44
N LYS A 63 1.35 14.06 -13.00
CA LYS A 63 1.04 14.12 -14.43
C LYS A 63 2.20 13.58 -15.26
N ALA A 64 3.43 13.97 -14.92
CA ALA A 64 4.59 13.50 -15.68
C ALA A 64 4.76 11.99 -15.56
N LEU A 65 4.66 11.45 -14.34
CA LEU A 65 4.72 10.00 -14.15
C LEU A 65 3.69 9.28 -15.02
N VAL A 66 2.44 9.73 -14.98
CA VAL A 66 1.38 9.03 -15.73
C VAL A 66 1.59 9.20 -17.23
N ASN A 67 2.11 10.35 -17.66
CA ASN A 67 2.27 10.60 -19.10
C ASN A 67 3.36 9.73 -19.72
N LYS A 68 4.38 9.36 -18.95
CA LYS A 68 5.47 8.54 -19.46
C LYS A 68 5.15 7.06 -19.43
N LYS A 69 3.95 6.67 -19.02
CA LYS A 69 3.69 5.26 -18.78
C LYS A 69 3.68 4.50 -20.10
N SER A 70 4.27 3.30 -20.07
CA SER A 70 4.29 2.47 -21.25
C SER A 70 2.88 1.94 -21.52
N ASP A 71 2.68 1.39 -22.73
CA ASP A 71 1.33 0.97 -23.09
C ASP A 71 0.89 -0.28 -22.35
N ASN A 72 1.83 -1.05 -21.81
CA ASN A 72 1.53 -2.22 -21.00
C ASN A 72 1.96 -2.04 -19.55
N ALA A 73 2.01 -0.79 -19.10
CA ALA A 73 2.41 -0.50 -17.71
C ALA A 73 1.44 -1.17 -16.74
N ARG A 74 2.00 -1.69 -15.65
CA ARG A 74 1.24 -2.48 -14.69
C ARG A 74 1.40 -1.90 -13.29
N VAL A 75 0.31 -1.96 -12.52
CA VAL A 75 0.27 -1.44 -11.16
C VAL A 75 -0.12 -2.56 -10.21
N LEU A 76 0.54 -2.60 -9.05
CA LEU A 76 0.17 -3.51 -7.96
C LEU A 76 -0.23 -2.68 -6.76
N VAL A 77 -1.38 -3.00 -6.17
CA VAL A 77 -1.82 -2.42 -4.91
C VAL A 77 -1.94 -3.55 -3.90
N PRO A 78 -0.90 -3.77 -3.09
CA PRO A 78 -0.94 -4.89 -2.14
C PRO A 78 -1.71 -4.55 -0.86
N GLY A 79 -2.29 -5.58 -0.25
CA GLY A 79 -3.21 -5.35 0.87
C GLY A 79 -4.30 -4.37 0.52
N CYS A 80 -4.86 -4.53 -0.68
CA CYS A 80 -5.75 -3.52 -1.24
C CYS A 80 -7.10 -3.36 -0.53
N GLY A 81 -7.47 -4.28 0.36
CA GLY A 81 -8.79 -4.21 0.99
C GLY A 81 -9.88 -4.12 -0.06
N LYS A 82 -10.82 -3.20 0.17
CA LYS A 82 -11.93 -3.00 -0.76
C LYS A 82 -11.51 -2.27 -2.02
N GLY A 83 -10.23 -1.90 -2.16
CA GLY A 83 -9.64 -1.69 -3.46
C GLY A 83 -9.80 -0.33 -4.08
N TYR A 84 -10.11 0.69 -3.27
CA TYR A 84 -10.28 2.06 -3.80
C TYR A 84 -9.06 2.50 -4.61
N ASP A 85 -7.86 2.20 -4.12
CA ASP A 85 -6.65 2.69 -4.80
C ASP A 85 -6.44 1.97 -6.13
N ALA A 86 -6.64 0.65 -6.14
CA ALA A 86 -6.50 -0.08 -7.40
C ALA A 86 -7.49 0.42 -8.43
N ALA A 87 -8.73 0.69 -8.01
CA ALA A 87 -9.72 1.27 -8.91
C ALA A 87 -9.25 2.62 -9.43
N TYR A 88 -8.62 3.43 -8.58
CA TYR A 88 -8.13 4.74 -9.01
C TYR A 88 -7.06 4.60 -10.09
N PHE A 89 -6.05 3.74 -9.85
CA PHE A 89 -4.97 3.57 -10.82
C PHE A 89 -5.49 2.99 -12.13
N ALA A 90 -6.43 2.06 -12.06
CA ALA A 90 -7.06 1.55 -13.28
C ALA A 90 -7.73 2.68 -14.07
N SER A 91 -8.43 3.58 -13.38
CA SER A 91 -9.07 4.71 -14.06
C SER A 91 -8.07 5.64 -14.75
N LEU A 92 -6.80 5.59 -14.37
CA LEU A 92 -5.76 6.35 -15.04
C LEU A 92 -5.20 5.66 -16.27
N GLY A 93 -5.62 4.42 -16.56
CA GLY A 93 -5.17 3.72 -17.74
C GLY A 93 -4.17 2.63 -17.47
N TYR A 94 -3.82 2.40 -16.21
CA TYR A 94 -2.87 1.36 -15.85
C TYR A 94 -3.57 0.01 -15.75
N GLU A 95 -2.95 -1.03 -16.29
CA GLU A 95 -3.38 -2.38 -16.00
C GLU A 95 -3.03 -2.69 -14.55
N THR A 96 -4.05 -2.84 -13.70
CA THR A 96 -3.89 -2.78 -12.25
C THR A 96 -4.37 -4.06 -11.58
N LEU A 97 -3.58 -4.54 -10.61
CA LEU A 97 -3.94 -5.69 -9.79
C LEU A 97 -4.07 -5.25 -8.34
N GLY A 98 -5.25 -5.45 -7.76
CA GLY A 98 -5.44 -5.34 -6.34
C GLY A 98 -5.34 -6.71 -5.71
N ALA A 99 -4.36 -6.87 -4.83
CA ALA A 99 -4.05 -8.15 -4.20
C ALA A 99 -4.32 -8.05 -2.71
N ASP A 100 -5.11 -8.98 -2.18
CA ASP A 100 -5.34 -9.04 -0.74
C ASP A 100 -5.38 -10.49 -0.28
N LEU A 101 -4.90 -10.70 0.94
CA LEU A 101 -4.86 -12.03 1.54
C LEU A 101 -6.25 -12.60 1.77
N SER A 102 -7.22 -11.74 2.07
CA SER A 102 -8.59 -12.14 2.42
C SER A 102 -9.45 -12.32 1.18
N SER A 103 -9.91 -13.57 0.92
CA SER A 103 -10.88 -13.79 -0.15
C SER A 103 -12.16 -12.99 0.08
N THR A 104 -12.55 -12.82 1.35
CA THR A 104 -13.68 -11.97 1.68
C THR A 104 -13.45 -10.53 1.21
N ALA A 105 -12.28 -9.98 1.52
CA ALA A 105 -11.97 -8.62 1.08
C ALA A 105 -12.06 -8.50 -0.44
N ILE A 106 -11.54 -9.50 -1.16
CA ILE A 106 -11.49 -9.44 -2.62
C ILE A 106 -12.89 -9.50 -3.21
N GLU A 107 -13.76 -10.36 -2.66
CA GLU A 107 -15.15 -10.33 -3.11
C GLU A 107 -15.78 -8.97 -2.83
N LYS A 108 -15.57 -8.44 -1.62
CA LYS A 108 -16.14 -7.14 -1.28
C LYS A 108 -15.61 -6.04 -2.19
N ALA A 109 -14.34 -6.14 -2.60
CA ALA A 109 -13.79 -5.18 -3.57
C ALA A 109 -14.50 -5.28 -4.91
N LYS A 110 -14.78 -6.51 -5.34
CA LYS A 110 -15.46 -6.76 -6.60
C LYS A 110 -16.90 -6.24 -6.57
N GLU A 111 -17.54 -6.34 -5.41
CA GLU A 111 -18.86 -5.74 -5.25
C GLU A 111 -18.77 -4.23 -5.26
N PHE A 112 -17.88 -3.65 -4.43
CA PHE A 112 -17.80 -2.21 -4.33
C PHE A 112 -17.55 -1.58 -5.70
N TRP A 113 -16.66 -2.18 -6.49
CA TRP A 113 -16.31 -1.66 -7.80
C TRP A 113 -17.03 -2.37 -8.95
N ALA A 114 -18.18 -3.02 -8.66
CA ALA A 114 -18.92 -3.76 -9.68
C ALA A 114 -19.21 -2.93 -10.94
N GLU A 115 -19.42 -1.62 -10.81
CA GLU A 115 -19.76 -0.80 -11.96
C GLU A 115 -18.55 -0.16 -12.65
N SER A 116 -17.33 -0.47 -12.22
CA SER A 116 -16.14 0.12 -12.83
C SER A 116 -15.98 -0.34 -14.27
N PRO A 117 -15.73 0.58 -15.21
CA PRO A 117 -15.54 0.12 -16.59
C PRO A 117 -14.26 -0.68 -16.76
N GLU A 118 -13.26 -0.45 -15.92
CA GLU A 118 -12.01 -1.18 -16.00
C GLU A 118 -12.11 -2.58 -15.41
N LEU A 119 -12.93 -2.77 -14.38
CA LEU A 119 -13.23 -4.12 -13.94
C LEU A 119 -13.89 -4.92 -15.05
N LYS A 120 -14.80 -4.27 -15.79
CA LYS A 120 -15.48 -4.92 -16.90
C LYS A 120 -14.50 -5.38 -17.96
N SER A 121 -13.63 -4.48 -18.42
CA SER A 121 -12.66 -4.80 -19.47
C SER A 121 -11.54 -5.74 -19.00
N GLY A 122 -11.43 -6.00 -17.70
CA GLY A 122 -10.29 -6.73 -17.19
C GLY A 122 -9.05 -5.90 -16.93
N LYS A 123 -9.07 -4.61 -17.25
CA LYS A 123 -7.91 -3.78 -16.97
C LYS A 123 -7.66 -3.72 -15.47
N LEU A 124 -8.73 -3.64 -14.67
CA LEU A 124 -8.65 -3.76 -13.23
C LEU A 124 -8.98 -5.19 -12.83
N SER A 125 -8.19 -5.76 -11.92
CA SER A 125 -8.45 -7.11 -11.44
C SER A 125 -8.18 -7.18 -9.95
N PHE A 126 -9.04 -7.90 -9.25
CA PHE A 126 -8.91 -8.17 -7.82
C PHE A 126 -8.68 -9.66 -7.63
N GLN A 127 -7.68 -10.02 -6.84
CA GLN A 127 -7.30 -11.42 -6.69
C GLN A 127 -6.90 -11.67 -5.25
N THR A 128 -7.33 -12.80 -4.73
CA THR A 128 -6.88 -13.29 -3.42
C THR A 128 -5.45 -13.81 -3.57
N LEU A 129 -4.50 -13.08 -3.00
CA LEU A 129 -3.10 -13.41 -3.15
C LEU A 129 -2.39 -13.01 -1.86
N ASP A 130 -1.38 -13.78 -1.50
CA ASP A 130 -0.48 -13.40 -0.41
C ASP A 130 0.67 -12.58 -0.99
N PHE A 131 0.79 -11.34 -0.52
CA PHE A 131 1.79 -10.41 -1.06
C PHE A 131 3.18 -11.05 -1.05
N PHE A 132 3.45 -11.87 -0.03
CA PHE A 132 4.76 -12.51 0.14
C PHE A 132 4.97 -13.69 -0.81
N LYS A 133 3.89 -14.32 -1.29
CA LYS A 133 4.00 -15.61 -1.96
C LYS A 133 3.68 -15.58 -3.45
N PHE A 134 2.85 -14.67 -3.93
CA PHE A 134 2.38 -14.77 -5.31
C PHE A 134 3.55 -14.59 -6.28
N GLU A 135 3.40 -15.15 -7.48
CA GLU A 135 4.52 -15.18 -8.42
C GLU A 135 4.58 -13.85 -9.17
N VAL A 136 5.68 -13.12 -9.00
CA VAL A 136 5.76 -11.81 -9.64
C VAL A 136 5.83 -12.00 -11.16
N PRO A 137 5.05 -11.23 -11.94
CA PRO A 137 5.17 -11.31 -13.41
C PRO A 137 6.61 -11.13 -13.85
N GLU A 138 6.94 -11.63 -15.03
CA GLU A 138 8.30 -11.48 -15.56
C GLU A 138 8.68 -10.02 -15.66
N ALA A 139 7.80 -9.19 -16.21
CA ALA A 139 8.09 -7.79 -16.45
C ALA A 139 8.08 -6.95 -15.17
N LYS A 140 7.63 -7.52 -14.05
CA LYS A 140 7.53 -6.84 -12.76
C LYS A 140 6.55 -5.68 -12.85
N TYR A 141 6.46 -4.85 -11.82
CA TYR A 141 5.48 -3.77 -11.77
C TYR A 141 6.14 -2.43 -12.03
N ASP A 142 5.47 -1.60 -12.83
CA ASP A 142 5.94 -0.25 -13.11
C ASP A 142 5.64 0.70 -11.96
N LEU A 143 4.56 0.45 -11.24
CA LEU A 143 4.11 1.33 -10.17
C LEU A 143 3.46 0.49 -9.10
N VAL A 144 3.86 0.69 -7.85
CA VAL A 144 3.27 0.04 -6.70
C VAL A 144 2.85 1.09 -5.70
N TYR A 145 1.70 0.89 -5.05
CA TYR A 145 1.16 1.83 -4.06
C TYR A 145 0.88 1.11 -2.74
N ASP A 146 1.54 1.53 -1.68
CA ASP A 146 1.36 0.97 -0.33
C ASP A 146 0.69 2.01 0.56
N TYR A 147 -0.53 1.73 0.99
CA TYR A 147 -1.21 2.48 2.04
C TYR A 147 -1.87 1.49 2.98
N THR A 148 -1.81 1.77 4.28
CA THR A 148 -2.19 0.86 5.38
C THR A 148 -1.91 -0.59 4.99
N PHE A 149 -0.73 -0.86 4.46
CA PHE A 149 -0.24 -2.22 4.35
C PHE A 149 1.06 -2.39 5.12
N PHE A 150 2.07 -1.55 4.86
CA PHE A 150 3.26 -1.56 5.69
C PHE A 150 2.89 -1.41 7.17
N CYS A 151 1.95 -0.53 7.49
CA CYS A 151 1.62 -0.37 8.90
C CYS A 151 0.68 -1.46 9.43
N ALA A 152 0.17 -2.35 8.57
CA ALA A 152 -0.64 -3.48 9.03
C ALA A 152 0.21 -4.65 9.49
N LEU A 153 1.45 -4.72 9.03
CA LEU A 153 2.33 -5.86 9.22
C LEU A 153 2.98 -5.82 10.60
N PRO A 154 3.23 -6.96 11.23
CA PRO A 154 4.00 -6.96 12.45
C PRO A 154 5.39 -6.41 12.17
N PRO A 155 6.02 -5.76 13.15
CA PRO A 155 7.35 -5.16 12.88
C PRO A 155 8.35 -6.14 12.28
N ASP A 156 8.32 -7.40 12.71
CA ASP A 156 9.25 -8.41 12.22
C ASP A 156 8.97 -8.81 10.78
N LEU A 157 7.94 -8.27 10.12
CA LEU A 157 7.70 -8.57 8.73
C LEU A 157 8.05 -7.39 7.82
N ARG A 158 8.61 -6.31 8.38
CA ARG A 158 8.91 -5.11 7.59
C ARG A 158 10.07 -5.36 6.63
N ALA A 159 11.10 -6.07 7.10
CA ALA A 159 12.21 -6.43 6.22
C ALA A 159 11.78 -7.32 5.05
N PRO A 160 11.05 -8.44 5.26
CA PRO A 160 10.51 -9.18 4.10
C PRO A 160 9.74 -8.31 3.12
N TRP A 161 8.94 -7.39 3.66
CA TRP A 161 8.16 -6.49 2.81
C TRP A 161 9.08 -5.64 1.96
N GLY A 162 10.14 -5.10 2.56
CA GLY A 162 11.12 -4.37 1.76
C GLY A 162 11.74 -5.22 0.68
N ALA A 163 12.15 -6.45 1.03
CA ALA A 163 12.74 -7.34 0.04
C ALA A 163 11.76 -7.67 -1.07
N ARG A 164 10.51 -7.95 -0.72
CA ARG A 164 9.51 -8.19 -1.75
C ARG A 164 9.33 -6.96 -2.64
N MET A 165 9.28 -5.76 -2.03
CA MET A 165 9.14 -4.55 -2.83
C MET A 165 10.31 -4.41 -3.80
N ARG A 166 11.52 -4.74 -3.36
CA ARG A 166 12.68 -4.64 -4.25
C ARG A 166 12.53 -5.53 -5.48
N GLU A 167 12.04 -6.77 -5.33
CA GLU A 167 11.84 -7.59 -6.52
C GLU A 167 10.53 -7.30 -7.22
N LEU A 168 9.57 -6.63 -6.59
CA LEU A 168 8.32 -6.36 -7.30
C LEU A 168 8.40 -5.20 -8.28
N VAL A 169 9.24 -4.19 -8.02
CA VAL A 169 9.27 -2.98 -8.83
C VAL A 169 10.41 -3.08 -9.85
N ARG A 170 10.08 -2.94 -11.14
N ARG A 170 10.08 -2.94 -11.14
CA ARG A 170 11.09 -3.02 -12.17
CA ARG A 170 11.09 -3.02 -12.18
C ARG A 170 12.08 -1.87 -12.03
C ARG A 170 12.09 -1.87 -12.02
N PRO A 171 13.31 -2.04 -12.52
CA PRO A 171 14.27 -0.93 -12.49
C PRO A 171 13.67 0.31 -13.15
N GLY A 172 13.85 1.46 -12.49
CA GLY A 172 13.23 2.68 -12.95
C GLY A 172 11.75 2.81 -12.70
N GLY A 173 11.09 1.76 -12.19
CA GLY A 173 9.70 1.88 -11.75
C GLY A 173 9.60 2.65 -10.43
N THR A 174 8.37 2.88 -9.98
CA THR A 174 8.09 3.75 -8.85
C THR A 174 7.27 3.00 -7.80
N LEU A 175 7.65 3.19 -6.54
CA LEU A 175 6.82 2.81 -5.41
C LEU A 175 6.37 4.07 -4.67
N ILE A 176 5.05 4.23 -4.51
CA ILE A 176 4.50 5.30 -3.68
C ILE A 176 4.09 4.71 -2.34
N THR A 177 4.53 5.33 -1.24
CA THR A 177 4.16 4.89 0.10
C THR A 177 3.45 6.07 0.75
N LEU A 178 2.16 5.94 1.03
CA LEU A 178 1.49 6.89 1.92
C LEU A 178 1.76 6.43 3.35
N VAL A 179 2.66 7.14 4.02
CA VAL A 179 3.20 6.75 5.31
C VAL A 179 2.28 7.32 6.38
N TYR A 180 1.48 6.45 7.00
CA TYR A 180 0.43 6.74 7.97
C TYR A 180 0.16 5.45 8.71
N PRO A 181 -0.05 5.50 10.02
CA PRO A 181 -0.03 6.69 10.87
C PRO A 181 1.35 6.97 11.46
N ILE A 182 1.76 8.25 11.47
CA ILE A 182 2.99 8.68 12.15
C ILE A 182 2.59 9.20 13.52
N ASP A 183 2.61 8.33 14.51
CA ASP A 183 2.07 8.60 15.84
C ASP A 183 3.14 8.59 16.92
N GLY A 184 4.42 8.64 16.54
CA GLY A 184 5.45 8.60 17.55
C GLY A 184 5.61 7.22 18.16
N ALA A 185 6.01 7.22 19.44
CA ALA A 185 6.42 6.00 20.12
C ALA A 185 5.26 5.11 20.55
N ARG A 186 4.01 5.53 20.33
CA ARG A 186 2.86 4.65 20.52
C ARG A 186 3.18 3.22 20.14
N SER A 187 3.02 2.30 21.08
N SER A 187 2.98 2.31 21.09
CA SER A 187 3.26 0.90 20.80
CA SER A 187 3.23 0.89 20.89
C SER A 187 1.95 0.19 20.49
C SER A 187 1.93 0.17 20.52
N GLY A 188 2.07 -0.92 19.78
CA GLY A 188 0.94 -1.73 19.39
C GLY A 188 0.51 -1.50 17.95
N GLY A 189 -0.26 -2.44 17.43
CA GLY A 189 -0.80 -2.35 16.09
C GLY A 189 -1.42 -3.69 15.70
N PRO A 190 -2.05 -3.76 14.52
CA PRO A 190 -2.26 -2.67 13.56
C PRO A 190 -3.33 -1.67 13.98
N PRO A 191 -3.34 -0.43 13.44
CA PRO A 191 -2.26 0.21 12.66
C PRO A 191 -1.05 0.48 13.55
N TYR A 192 0.13 0.05 13.10
CA TYR A 192 1.35 0.29 13.83
C TYR A 192 1.81 1.72 13.53
N SER A 193 2.32 2.40 14.55
CA SER A 193 2.91 3.72 14.38
C SER A 193 4.20 3.60 13.58
N ILE A 194 4.26 4.26 12.42
CA ILE A 194 5.43 4.12 11.57
C ILE A 194 5.98 5.51 11.30
N ASP A 195 7.10 5.58 10.58
CA ASP A 195 7.70 6.83 10.17
C ASP A 195 8.47 6.55 8.90
N VAL A 196 8.95 7.62 8.26
CA VAL A 196 9.66 7.47 6.99
C VAL A 196 10.95 6.67 7.18
N GLN A 197 11.62 6.85 8.32
CA GLN A 197 12.85 6.09 8.56
C GLN A 197 12.60 4.58 8.58
N LYS A 198 11.52 4.14 9.21
CA LYS A 198 11.20 2.71 9.22
C LYS A 198 10.94 2.18 7.82
N VAL A 199 10.25 2.96 6.99
CA VAL A 199 10.03 2.54 5.61
C VAL A 199 11.35 2.51 4.86
N THR A 200 12.21 3.52 5.09
CA THR A 200 13.51 3.58 4.42
C THR A 200 14.34 2.35 4.74
N ASP A 201 14.45 2.02 6.03
CA ASP A 201 15.27 0.88 6.45
C ASP A 201 14.76 -0.41 5.83
N ALA A 202 13.43 -0.58 5.76
CA ALA A 202 12.90 -1.79 5.16
C ALA A 202 13.26 -1.85 3.67
N LEU A 203 13.11 -0.72 2.99
CA LEU A 203 13.30 -0.71 1.54
C LEU A 203 14.78 -0.82 1.14
N GLN A 204 15.68 -0.18 1.90
CA GLN A 204 17.09 -0.17 1.52
C GLN A 204 17.86 -1.35 2.09
N GLY A 205 17.23 -2.17 2.92
CA GLY A 205 17.83 -3.43 3.31
C GLY A 205 19.01 -3.25 4.26
N SER A 206 19.94 -4.21 4.21
CA SER A 206 21.10 -4.24 5.09
C SER A 206 22.25 -3.46 4.46
N GLU A 207 22.79 -2.50 5.23
CA GLU A 207 23.97 -1.75 4.80
C GLU A 207 25.23 -2.60 4.89
N GLU A 208 25.56 -3.06 6.10
CA GLU A 208 26.78 -3.78 6.44
C GLU A 208 27.99 -2.87 6.32
N GLY A 209 27.99 -1.99 5.32
CA GLY A 209 28.93 -0.90 5.19
C GLY A 209 28.52 0.37 5.90
N SER A 210 27.30 0.41 6.47
CA SER A 210 26.81 1.54 7.26
C SER A 210 26.95 2.85 6.50
N ALA A 211 26.74 2.81 5.19
CA ALA A 211 26.90 3.95 4.30
C ALA A 211 25.55 4.41 3.78
N GLU A 212 25.58 5.52 2.99
CA GLU A 212 24.43 6.06 2.27
C GLU A 212 23.56 4.92 1.73
N PRO A 213 22.31 4.79 2.21
CA PRO A 213 21.54 3.58 1.91
C PRO A 213 20.94 3.53 0.52
N GLY A 214 20.99 4.65 -0.22
CA GLY A 214 20.43 4.72 -1.56
C GLY A 214 21.00 3.71 -2.55
N LYS A 215 21.10 2.43 -2.16
CA LYS A 215 21.57 1.40 -3.08
C LYS A 215 20.47 0.84 -3.94
N TYR A 216 19.26 0.69 -3.42
CA TYR A 216 18.17 0.04 -4.14
C TYR A 216 17.11 1.01 -4.64
N TRP A 217 16.98 2.17 -3.99
CA TRP A 217 15.93 3.13 -4.25
C TRP A 217 16.48 4.55 -4.15
N THR A 218 15.92 5.46 -4.93
CA THR A 218 16.11 6.89 -4.71
C THR A 218 14.80 7.46 -4.20
N LYS A 219 14.86 8.11 -3.04
CA LYS A 219 13.69 8.78 -2.46
C LYS A 219 13.53 10.13 -3.12
N VAL A 220 12.79 10.16 -4.24
CA VAL A 220 12.76 11.36 -5.07
C VAL A 220 11.86 12.44 -4.49
N LEU A 221 10.88 12.07 -3.66
CA LEU A 221 9.95 13.05 -3.12
C LEU A 221 9.41 12.56 -1.79
N ASP A 222 9.40 13.44 -0.80
CA ASP A 222 9.02 13.12 0.58
C ASP A 222 8.36 14.40 1.09
N ILE A 223 7.02 14.42 1.18
CA ILE A 223 6.26 15.65 1.44
C ILE A 223 5.20 15.43 2.50
N VAL A 224 4.84 16.52 3.18
CA VAL A 224 3.61 16.58 3.96
C VAL A 224 2.50 16.87 2.96
N PRO A 225 1.47 16.02 2.81
CA PRO A 225 0.44 16.29 1.79
C PRO A 225 -0.29 17.58 2.08
N GLN A 226 -0.67 18.29 1.03
CA GLN A 226 -1.36 19.57 1.23
C GLN A 226 -2.80 19.38 1.62
N THR A 227 -3.38 18.21 1.36
CA THR A 227 -4.74 17.91 1.78
C THR A 227 -4.73 16.49 2.33
N SER A 228 -4.93 16.35 3.63
CA SER A 228 -5.05 15.06 4.28
C SER A 228 -6.49 14.92 4.77
N SER A 229 -6.94 13.67 4.95
CA SER A 229 -8.16 13.46 5.71
C SER A 229 -8.01 14.15 7.07
N PRO A 230 -9.09 14.70 7.62
CA PRO A 230 -8.96 15.43 8.91
C PRO A 230 -8.22 14.62 9.95
N ASP A 231 -8.63 13.36 10.15
N ASP A 231 -8.61 13.35 10.12
CA ASP A 231 -8.00 12.48 11.13
CA ASP A 231 -8.00 12.48 11.12
C ASP A 231 -6.54 12.16 10.77
C ASP A 231 -6.54 12.16 10.78
N HIS A 232 -6.11 12.40 9.53
CA HIS A 232 -4.74 12.15 9.12
C HIS A 232 -3.81 13.35 9.27
N VAL A 233 -4.35 14.55 9.54
CA VAL A 233 -3.50 15.74 9.61
C VAL A 233 -2.45 15.57 10.71
N GLY A 234 -1.19 15.87 10.37
CA GLY A 234 -0.05 15.75 11.28
C GLY A 234 0.45 14.35 11.54
N ARG A 235 -0.11 13.32 10.84
CA ARG A 235 0.25 11.92 11.08
C ARG A 235 0.57 11.20 9.79
N GLU A 236 1.03 11.94 8.78
CA GLU A 236 1.06 11.48 7.40
C GLU A 236 2.13 12.15 6.56
N ARG A 237 2.89 11.34 5.81
CA ARG A 237 3.78 11.87 4.78
C ARG A 237 3.64 11.01 3.52
N LEU A 238 3.60 11.64 2.34
CA LEU A 238 3.64 10.91 1.07
C LEU A 238 5.06 10.89 0.52
N VAL A 239 5.52 9.70 0.15
CA VAL A 239 6.90 9.47 -0.27
C VAL A 239 6.91 8.69 -1.57
N VAL A 240 7.73 9.13 -2.52
CA VAL A 240 7.82 8.52 -3.83
C VAL A 240 9.24 7.98 -4.00
N TRP A 241 9.35 6.70 -4.35
CA TRP A 241 10.62 6.02 -4.45
C TRP A 241 10.81 5.51 -5.87
N GLU A 242 12.02 5.65 -6.41
CA GLU A 242 12.33 5.07 -7.72
C GLU A 242 13.33 3.94 -7.54
N ARG A 243 13.04 2.79 -8.17
CA ARG A 243 13.92 1.63 -8.13
C ARG A 243 15.17 1.87 -8.99
N ILE A 244 16.34 1.61 -8.44
CA ILE A 244 17.58 1.75 -9.20
C ILE A 244 18.36 0.44 -9.29
N ASN A 245 19.59 0.51 -9.84
CA ASN A 245 20.50 -0.62 -10.14
C ASN A 245 20.09 -1.36 -11.42
N SAH B . -5.14 -0.73 2.18
N SAH B . -8.60 -0.28 3.23
CA SAH B . -6.53 -1.09 2.39
CA SAH B . -7.19 -0.54 3.32
CB SAH B . -6.66 -2.19 3.49
CB SAH B . -6.87 -1.99 2.91
CG SAH B . -6.15 -1.73 4.92
CG SAH B . -7.15 -2.99 4.11
SD SAH B . -6.27 -3.14 6.08
SD SAH B . -5.95 -2.70 5.45
C SAH B . -7.31 0.19 2.76
C SAH B . -6.41 0.43 2.41
O SAH B . -8.54 0.17 3.06
O SAH B . -5.28 0.07 1.95
OXT SAH B . -6.69 1.30 2.77
OXT SAH B . -6.89 1.58 2.12
C5' SAH B . -4.83 -4.28 5.82
C5' SAH B . -5.02 -4.27 5.78
C4' SAH B . -5.06 -5.18 4.61
C4' SAH B . -5.20 -5.23 4.61
O4' SAH B . -3.97 -5.90 4.34
O4' SAH B . -4.05 -5.83 4.32
C3' SAH B . -6.14 -6.22 4.97
C3' SAH B . -6.18 -6.36 4.98
O3' SAH B . -7.13 -6.18 4.00
O3' SAH B . -7.23 -6.40 4.08
C2' SAH B . -5.40 -7.57 4.94
C2' SAH B . -5.36 -7.65 4.90
O2' SAH B . -6.35 -8.64 4.50
O2' SAH B . -6.21 -8.79 4.40
C1' SAH B . -4.44 -7.39 4.04
C1' SAH B . -4.42 -7.36 4.01
N9 SAH B . -3.24 -8.24 4.24
N9 SAH B . -3.23 -8.22 4.17
C8 SAH B . -2.65 -8.57 5.43
C8 SAH B . -2.63 -8.59 5.32
N7 SAH B . -1.59 -9.34 5.16
N7 SAH B . -1.59 -9.38 5.01
C5 SAH B . -1.53 -9.48 3.82
C5 SAH B . -1.56 -9.49 3.67
C6 SAH B . -0.65 -10.18 3.03
C6 SAH B . -0.70 -10.18 2.82
N6 SAH B . 0.54 -11.01 3.36
N6 SAH B . 0.48 -11.06 3.03
N1 SAH B . -0.81 -10.18 1.68
N1 SAH B . -0.91 -10.13 1.50
C2 SAH B . -1.84 -9.49 1.12
C2 SAH B . -1.93 -9.40 0.98
N3 SAH B . -2.72 -8.80 1.91
N3 SAH B . -2.77 -8.73 1.81
C4 SAH B . -2.56 -8.80 3.25
C4 SAH B . -2.58 -8.78 3.16
CL CL C . -12.32 6.35 -4.30
#